data_4FDA
#
_entry.id   4FDA
#
_cell.length_a   128.730
_cell.length_b   128.730
_cell.length_c   40.650
_cell.angle_alpha   90.00
_cell.angle_beta   90.00
_cell.angle_gamma   90.00
#
_symmetry.space_group_name_H-M   'P 41 21 2'
#
loop_
_entity.id
_entity.type
_entity.pdbx_description
1 polymer '3-oxoacyl-[acyl-carrier-protein] reductase'
2 non-polymer 'NADP NICOTINAMIDE-ADENINE-DINUCLEOTIDE PHOSPHATE'
3 water water
#
_entity_poly.entity_id   1
_entity_poly.type   'polypeptide(L)'
_entity_poly.pdbx_seq_one_letter_code
;MHYLPVAIVTGATRGIGKAICQKLFQKGLSCIILGSTKESIERTAIDRGQLQSGLSYQRQCAIAIDFKKWPHWLDYESYD
GIEYFKDRPPLKQKYSTLFDPCNKWSNNERRYYVNLLINCAGLTQESLSVRTTASQIQDIMNVNFMSPVTMTNICIKYMM
KSQRRWPELSGQSARPTIVNISSILHSGKMKVPGTSVYSASKAALSRFTEVLAAEMEPRNIRCFTISPGLVKGTDMIQNL
PVEAKEMLERTIGASGTSAPAEIAEEVWSLYSR
;
_entity_poly.pdbx_strand_id   A
#
loop_
_chem_comp.id
_chem_comp.type
_chem_comp.name
_chem_comp.formula
NAP non-polymer 'NADP NICOTINAMIDE-ADENINE-DINUCLEOTIDE PHOSPHATE' 'C21 H28 N7 O17 P3'
#
# COMPACT_ATOMS: atom_id res chain seq x y z
N MET A 1 13.40 24.52 -2.10
CA MET A 1 12.45 23.47 -2.46
C MET A 1 12.28 22.41 -1.40
N HIS A 2 11.04 22.20 -0.98
CA HIS A 2 10.72 21.20 -0.04
C HIS A 2 10.22 19.92 -0.67
N TYR A 3 10.82 18.81 -0.28
CA TYR A 3 10.43 17.47 -0.68
C TYR A 3 9.58 16.80 0.42
N LEU A 4 8.35 16.46 0.08
CA LEU A 4 7.41 15.88 1.03
C LEU A 4 7.10 14.43 0.68
N PRO A 5 7.59 13.48 1.51
CA PRO A 5 7.41 12.07 1.20
C PRO A 5 5.95 11.63 1.35
N VAL A 6 5.55 10.71 0.48
CA VAL A 6 4.18 10.17 0.46
C VAL A 6 4.24 8.65 0.57
N ALA A 7 3.27 8.08 1.27
CA ALA A 7 3.12 6.64 1.31
C ALA A 7 1.87 6.22 0.55
N ILE A 8 2.00 5.16 -0.23
CA ILE A 8 0.84 4.48 -0.80
C ILE A 8 0.57 3.27 0.07
N VAL A 9 -0.66 3.15 0.55
CA VAL A 9 -1.05 2.03 1.40
C VAL A 9 -2.27 1.35 0.81
N THR A 10 -2.12 0.10 0.39
CA THR A 10 -3.26 -0.64 -0.16
C THR A 10 -3.99 -1.28 1.02
N GLY A 11 -5.26 -1.62 0.82
CA GLY A 11 -6.06 -2.23 1.89
C GLY A 11 -6.07 -1.35 3.13
N ALA A 12 -6.22 -0.04 2.91
CA ALA A 12 -6.10 0.94 3.99
C ALA A 12 -7.44 1.39 4.57
N THR A 13 -8.53 0.82 4.05
CA THR A 13 -9.88 1.16 4.51
C THR A 13 -10.23 0.56 5.87
N ARG A 14 -9.51 -0.49 6.27
CA ARG A 14 -9.76 -1.18 7.54
C ARG A 14 -8.58 -2.05 7.94
N GLY A 15 -8.69 -2.71 9.09
CA GLY A 15 -7.68 -3.65 9.56
C GLY A 15 -6.28 -3.08 9.70
N ILE A 16 -5.28 -3.89 9.36
CA ILE A 16 -3.88 -3.51 9.53
C ILE A 16 -3.49 -2.30 8.67
N GLY A 17 -3.97 -2.28 7.42
CA GLY A 17 -3.72 -1.16 6.50
C GLY A 17 -4.17 0.18 7.04
N LYS A 18 -5.35 0.21 7.65
CA LYS A 18 -5.87 1.42 8.31
C LYS A 18 -4.96 1.87 9.45
N ALA A 19 -4.56 0.93 10.30
CA ALA A 19 -3.65 1.23 11.41
C ALA A 19 -2.31 1.77 10.93
N ILE A 20 -1.80 1.20 9.84
CA ILE A 20 -0.54 1.67 9.26
C ILE A 20 -0.69 3.11 8.75
N CYS A 21 -1.81 3.39 8.08
CA CYS A 21 -2.07 4.73 7.57
CA CYS A 21 -2.11 4.74 7.59
C CYS A 21 -2.15 5.76 8.71
N GLN A 22 -2.83 5.40 9.79
CA GLN A 22 -2.95 6.28 10.96
C GLN A 22 -1.59 6.60 11.54
N LYS A 23 -0.71 5.59 11.64
CA LYS A 23 0.64 5.77 12.13
C LYS A 23 1.48 6.68 11.23
N LEU A 24 1.44 6.42 9.92
CA LEU A 24 2.21 7.20 8.97
C LEU A 24 1.76 8.66 8.97
N PHE A 25 0.46 8.89 9.07
CA PHE A 25 -0.08 10.24 9.17
C PHE A 25 0.39 10.97 10.44
N GLN A 26 0.32 10.31 11.59
CA GLN A 26 0.81 10.92 12.83
C GLN A 26 2.30 11.27 12.74
N LYS A 27 3.03 10.51 11.93
CA LYS A 27 4.47 10.73 11.74
C LYS A 27 4.81 11.75 10.64
N GLY A 28 3.78 12.35 10.04
CA GLY A 28 3.98 13.49 9.16
C GLY A 28 3.97 13.19 7.67
N LEU A 29 3.72 11.95 7.30
CA LEU A 29 3.66 11.57 5.90
C LEU A 29 2.31 11.90 5.28
N SER A 30 2.35 12.28 4.01
CA SER A 30 1.14 12.36 3.21
C SER A 30 0.80 10.96 2.73
N CYS A 31 -0.50 10.68 2.57
CA CYS A 31 -0.94 9.32 2.30
C CYS A 31 -1.87 9.18 1.11
N ILE A 32 -1.62 8.15 0.31
CA ILE A 32 -2.52 7.73 -0.76
C ILE A 32 -3.09 6.38 -0.32
N ILE A 33 -4.36 6.38 0.03
CA ILE A 33 -5.08 5.22 0.56
C ILE A 33 -5.76 4.48 -0.60
N LEU A 34 -5.61 3.16 -0.63
CA LEU A 34 -6.33 2.37 -1.61
C LEU A 34 -7.42 1.51 -0.96
N GLY A 35 -8.56 1.43 -1.64
CA GLY A 35 -9.67 0.54 -1.31
C GLY A 35 -10.17 -0.08 -2.61
N SER A 36 -11.11 -1.02 -2.50
CA SER A 36 -11.55 -1.79 -3.66
C SER A 36 -12.53 -1.08 -4.58
N THR A 37 -13.39 -0.22 -4.02
CA THR A 37 -14.46 0.43 -4.81
C THR A 37 -14.71 1.89 -4.41
N LYS A 38 -15.38 2.61 -5.31
CA LYS A 38 -15.91 3.96 -5.03
C LYS A 38 -16.60 4.03 -3.68
N GLU A 39 -17.53 3.12 -3.47
CA GLU A 39 -18.34 3.07 -2.27
C GLU A 39 -17.48 2.82 -1.03
N SER A 40 -16.48 1.96 -1.19
CA SER A 40 -15.60 1.59 -0.08
C SER A 40 -14.76 2.75 0.43
N ILE A 41 -14.19 3.52 -0.50
CA ILE A 41 -13.31 4.64 -0.12
C ILE A 41 -14.08 5.84 0.43
N GLU A 42 -15.36 5.92 0.09
CA GLU A 42 -16.26 6.93 0.69
C GLU A 42 -16.46 6.69 2.18
N ARG A 43 -16.28 5.43 2.59
CA ARG A 43 -16.25 5.02 4.00
C ARG A 43 -17.58 5.28 4.71
N ARG A 48 -12.31 13.25 11.04
CA ARG A 48 -12.20 14.70 11.00
C ARG A 48 -11.14 15.21 11.98
N GLY A 49 -11.05 14.56 13.13
CA GLY A 49 -10.07 14.92 14.17
C GLY A 49 -8.65 14.56 13.80
N GLN A 50 -8.49 13.57 12.92
CA GLN A 50 -7.18 13.17 12.42
C GLN A 50 -6.58 14.23 11.50
N LEU A 51 -7.38 14.71 10.56
CA LEU A 51 -6.94 15.72 9.60
C LEU A 51 -6.59 17.04 10.30
N GLN A 52 -7.41 17.44 11.28
CA GLN A 52 -7.17 18.65 12.07
C GLN A 52 -5.86 18.56 12.84
N SER A 53 -5.53 17.36 13.30
CA SER A 53 -4.32 17.12 14.09
C SER A 53 -3.05 17.03 13.24
N GLY A 54 -3.18 17.23 11.92
CA GLY A 54 -2.07 17.09 10.99
C GLY A 54 -1.35 18.38 10.65
N LEU A 55 -0.19 18.30 10.05
CA LEU A 55 0.60 19.43 9.68
C LEU A 55 0.04 20.14 8.44
N SER A 56 0.45 21.37 8.23
CA SER A 56 -0.17 22.23 7.21
C SER A 56 0.06 21.73 5.78
N TYR A 57 1.23 21.17 5.51
CA TYR A 57 1.56 20.68 4.17
C TYR A 57 1.10 19.23 3.92
N GLN A 58 0.51 18.62 4.94
CA GLN A 58 0.15 17.21 4.90
C GLN A 58 -1.13 16.98 4.10
N ARG A 59 -1.08 16.03 3.18
CA ARG A 59 -2.19 15.74 2.29
C ARG A 59 -2.64 14.28 2.42
N GLN A 60 -3.90 14.03 2.07
CA GLN A 60 -4.43 12.67 2.08
C GLN A 60 -5.53 12.50 1.05
N CYS A 61 -5.45 11.41 0.30
CA CYS A 61 -6.51 11.02 -0.60
C CYS A 61 -6.66 9.51 -0.62
N ALA A 62 -7.77 9.06 -1.18
CA ALA A 62 -8.05 7.64 -1.33
C ALA A 62 -8.39 7.39 -2.78
N ILE A 63 -7.98 6.24 -3.30
CA ILE A 63 -8.23 5.84 -4.70
C ILE A 63 -8.82 4.44 -4.74
N ALA A 64 -9.87 4.25 -5.55
CA ALA A 64 -10.51 2.95 -5.72
C ALA A 64 -9.91 2.17 -6.89
N ILE A 65 -9.36 1.00 -6.58
CA ILE A 65 -8.88 0.07 -7.58
C ILE A 65 -9.30 -1.32 -7.11
N ASP A 66 -10.11 -2.00 -7.91
CA ASP A 66 -10.51 -3.37 -7.63
C ASP A 66 -9.40 -4.29 -8.13
N PHE A 67 -8.61 -4.82 -7.19
CA PHE A 67 -7.47 -5.68 -7.52
C PHE A 67 -7.87 -7.03 -8.13
N LYS A 68 -9.16 -7.39 -8.03
CA LYS A 68 -9.67 -8.60 -8.68
C LYS A 68 -9.52 -8.52 -10.19
N LYS A 69 -9.56 -7.30 -10.72
CA LYS A 69 -9.51 -7.06 -12.17
C LYS A 69 -8.08 -6.96 -12.73
N TRP A 70 -7.13 -7.60 -12.05
CA TRP A 70 -5.75 -7.67 -12.55
C TRP A 70 -5.72 -8.59 -13.78
N PRO A 71 -4.93 -8.24 -14.81
CA PRO A 71 -4.04 -7.08 -14.93
C PRO A 71 -4.70 -5.89 -15.62
N HIS A 72 -6.01 -5.92 -15.79
CA HIS A 72 -6.73 -4.92 -16.56
C HIS A 72 -6.69 -3.53 -15.92
N TRP A 73 -6.66 -3.47 -14.58
CA TRP A 73 -6.65 -2.19 -13.88
C TRP A 73 -5.40 -1.36 -14.18
N LEU A 74 -4.31 -2.02 -14.58
CA LEU A 74 -3.10 -1.34 -15.02
C LEU A 74 -3.37 -0.40 -16.18
N ASP A 75 -4.41 -0.72 -16.96
CA ASP A 75 -4.68 -0.03 -18.21
C ASP A 75 -5.81 1.00 -18.15
N TYR A 76 -6.46 1.15 -16.99
CA TYR A 76 -7.54 2.13 -16.86
C TYR A 76 -7.06 3.54 -17.18
N GLU A 77 -7.92 4.32 -17.84
CA GLU A 77 -7.56 5.69 -18.22
C GLU A 77 -7.53 6.61 -17.01
N SER A 78 -8.40 6.34 -16.04
CA SER A 78 -8.44 7.09 -14.79
C SER A 78 -9.01 6.25 -13.65
N TYR A 79 -8.84 6.74 -12.43
CA TYR A 79 -9.36 6.06 -11.24
C TYR A 79 -10.19 7.03 -10.42
N ASP A 80 -11.25 6.51 -9.81
CA ASP A 80 -12.06 7.29 -8.89
C ASP A 80 -11.34 7.44 -7.56
N GLY A 81 -11.40 8.64 -7.02
CA GLY A 81 -10.73 8.96 -5.77
C GLY A 81 -11.45 10.04 -4.98
N ILE A 82 -10.99 10.24 -3.75
CA ILE A 82 -11.52 11.28 -2.86
C ILE A 82 -10.35 11.93 -2.14
N GLU A 83 -10.33 13.27 -2.11
CA GLU A 83 -9.35 13.98 -1.32
C GLU A 83 -9.95 14.48 -0.01
N TYR A 84 -9.16 14.38 1.07
CA TYR A 84 -9.56 14.83 2.39
C TYR A 84 -8.81 16.09 2.81
N PHE A 85 -9.49 16.93 3.61
CA PHE A 85 -8.98 18.26 3.98
C PHE A 85 -9.18 18.55 5.47
N LYS A 86 -8.36 19.46 6.00
CA LYS A 86 -8.52 19.97 7.38
C LYS A 86 -9.86 20.65 7.60
N ASP A 87 -10.12 21.71 6.82
CA ASP A 87 -11.24 22.60 7.08
C ASP A 87 -12.24 22.72 5.91
N ARG A 88 -12.39 21.64 5.15
CA ARG A 88 -13.48 21.56 4.16
C ARG A 88 -13.90 20.12 3.85
N PRO A 89 -15.11 19.94 3.27
CA PRO A 89 -15.63 18.59 3.02
C PRO A 89 -14.84 17.82 1.96
N PRO A 90 -14.87 16.47 2.02
CA PRO A 90 -14.14 15.62 1.07
C PRO A 90 -14.51 15.90 -0.39
N LEU A 91 -13.52 15.89 -1.27
CA LEU A 91 -13.72 16.18 -2.69
C LEU A 91 -13.50 14.94 -3.57
N LYS A 92 -14.58 14.45 -4.17
CA LYS A 92 -14.51 13.34 -5.11
C LYS A 92 -13.88 13.80 -6.41
N GLN A 93 -12.93 13.03 -6.93
CA GLN A 93 -12.25 13.37 -8.18
C GLN A 93 -11.62 12.19 -8.91
N LYS A 94 -11.09 12.46 -10.10
CA LYS A 94 -10.45 11.47 -10.94
C LYS A 94 -8.93 11.60 -10.88
N TYR A 95 -8.25 10.47 -10.78
CA TYR A 95 -6.80 10.43 -10.88
C TYR A 95 -6.40 9.62 -12.10
N SER A 96 -5.46 10.15 -12.89
CA SER A 96 -4.98 9.48 -14.09
C SER A 96 -4.09 8.27 -13.78
N THR A 97 -3.30 8.37 -12.72
CA THR A 97 -2.44 7.27 -12.27
C THR A 97 -2.42 7.23 -10.75
N LEU A 98 -1.74 6.21 -10.23
CA LEU A 98 -1.46 6.08 -8.79
C LEU A 98 -0.72 7.27 -8.21
N PHE A 99 0.13 7.89 -9.03
CA PHE A 99 1.07 8.91 -8.60
C PHE A 99 0.58 10.31 -8.94
N ASP A 100 -0.58 10.37 -9.59
CA ASP A 100 -1.22 11.63 -9.96
C ASP A 100 -1.53 12.55 -8.75
N PRO A 101 -1.94 11.98 -7.59
CA PRO A 101 -2.12 12.84 -6.42
C PRO A 101 -0.88 13.69 -6.09
N CYS A 102 0.30 13.08 -6.17
CA CYS A 102 1.58 13.79 -6.00
C CYS A 102 1.73 14.98 -6.95
N ASN A 103 1.35 14.79 -8.21
CA ASN A 103 1.42 15.86 -9.21
C ASN A 103 0.43 16.99 -8.92
N LYS A 104 -0.79 16.62 -8.50
CA LYS A 104 -1.80 17.61 -8.11
C LYS A 104 -1.38 18.40 -6.86
N TRP A 105 -0.79 17.71 -5.88
CA TRP A 105 -0.37 18.36 -4.63
C TRP A 105 0.86 19.26 -4.80
N SER A 106 1.69 18.96 -5.79
CA SER A 106 2.95 19.68 -5.96
C SER A 106 2.77 21.05 -6.60
N ASN A 107 3.71 21.95 -6.30
CA ASN A 107 3.81 23.24 -6.98
C ASN A 107 5.29 23.61 -7.15
N ASN A 108 5.57 24.88 -7.41
CA ASN A 108 6.94 25.35 -7.61
C ASN A 108 7.85 25.18 -6.40
N GLU A 109 7.29 25.20 -5.19
CA GLU A 109 8.08 25.15 -3.96
C GLU A 109 7.97 23.82 -3.19
N ARG A 110 6.97 23.01 -3.51
CA ARG A 110 6.74 21.77 -2.77
C ARG A 110 6.62 20.56 -3.70
N ARG A 111 7.52 19.59 -3.53
CA ARG A 111 7.48 18.39 -4.35
C ARG A 111 7.07 17.18 -3.53
N TYR A 112 5.86 16.72 -3.76
CA TYR A 112 5.36 15.50 -3.11
C TYR A 112 5.83 14.31 -3.95
N TYR A 113 6.40 13.32 -3.28
CA TYR A 113 6.95 12.15 -3.96
C TYR A 113 6.69 10.90 -3.12
N VAL A 114 6.37 9.80 -3.80
CA VAL A 114 6.15 8.52 -3.13
C VAL A 114 7.49 7.93 -2.70
N ASN A 115 7.60 7.62 -1.41
CA ASN A 115 8.82 7.04 -0.86
C ASN A 115 8.59 5.72 -0.14
N LEU A 116 7.33 5.35 -0.01
CA LEU A 116 6.95 4.17 0.75
C LEU A 116 5.69 3.55 0.16
N LEU A 117 5.77 2.25 -0.10
CA LEU A 117 4.61 1.47 -0.51
C LEU A 117 4.36 0.38 0.52
N ILE A 118 3.11 0.30 0.97
CA ILE A 118 2.67 -0.78 1.85
C ILE A 118 1.58 -1.60 1.16
N ASN A 119 1.86 -2.85 0.86
CA ASN A 119 0.88 -3.77 0.35
C ASN A 119 0.22 -4.50 1.51
N CYS A 120 -1.01 -4.13 1.74
CA CYS A 120 -1.82 -4.66 2.82
C CYS A 120 -3.20 -5.22 2.39
N ALA A 121 -3.57 -5.05 1.15
CA ALA A 121 -4.83 -5.58 0.68
C ALA A 121 -4.94 -7.09 0.70
N GLY A 122 -6.12 -7.58 1.03
CA GLY A 122 -6.31 -9.01 1.26
C GLY A 122 -7.74 -9.42 0.97
N LEU A 123 -7.87 -10.55 0.30
CA LEU A 123 -9.17 -11.15 0.04
C LEU A 123 -9.15 -12.55 0.63
N THR A 124 -10.05 -12.81 1.58
CA THR A 124 -10.13 -14.11 2.22
C THR A 124 -10.79 -15.13 1.30
N GLN A 125 -10.53 -16.38 1.57
CA GLN A 125 -11.09 -17.46 0.84
C GLN A 125 -12.42 -18.02 1.40
N GLU A 126 -12.44 -18.52 2.63
CA GLU A 126 -13.65 -19.17 3.17
C GLU A 126 -14.39 -20.18 2.26
N SER A 127 -13.65 -21.08 1.61
CA SER A 127 -14.19 -22.23 0.92
C SER A 127 -13.14 -23.32 0.91
N LEU A 128 -13.58 -24.57 1.04
CA LEU A 128 -12.67 -25.71 0.94
C LEU A 128 -12.09 -25.80 -0.47
N SER A 129 -10.82 -26.18 -0.55
CA SER A 129 -10.11 -26.19 -1.84
C SER A 129 -10.94 -26.80 -2.97
N VAL A 130 -11.52 -27.96 -2.72
CA VAL A 130 -12.27 -28.67 -3.74
C VAL A 130 -13.56 -27.93 -4.15
N ARG A 131 -14.02 -27.03 -3.29
CA ARG A 131 -15.21 -26.20 -3.58
C ARG A 131 -14.83 -24.87 -4.22
N THR A 132 -13.53 -24.58 -4.29
CA THR A 132 -13.08 -23.30 -4.80
C THR A 132 -13.00 -23.36 -6.33
N THR A 133 -13.76 -22.49 -6.98
CA THR A 133 -13.78 -22.43 -8.44
C THR A 133 -12.57 -21.67 -9.00
N ALA A 134 -12.33 -21.83 -10.30
CA ALA A 134 -11.25 -21.12 -11.00
C ALA A 134 -11.33 -19.61 -10.82
N SER A 135 -12.53 -19.05 -10.96
CA SER A 135 -12.70 -17.60 -10.83
C SER A 135 -12.42 -17.12 -9.39
N GLN A 136 -12.74 -17.95 -8.41
CA GLN A 136 -12.43 -17.64 -7.00
C GLN A 136 -10.93 -17.70 -6.71
N ILE A 137 -10.24 -18.70 -7.26
CA ILE A 137 -8.77 -18.79 -7.17
C ILE A 137 -8.15 -17.54 -7.83
N GLN A 138 -8.68 -17.17 -8.98
CA GLN A 138 -8.23 -16.01 -9.71
C GLN A 138 -8.39 -14.73 -8.88
N ASP A 139 -9.56 -14.55 -8.28
CA ASP A 139 -9.84 -13.42 -7.39
C ASP A 139 -8.85 -13.33 -6.22
N ILE A 140 -8.65 -14.46 -5.52
CA ILE A 140 -7.76 -14.50 -4.36
C ILE A 140 -6.32 -14.15 -4.76
N MET A 141 -5.84 -14.75 -5.84
CA MET A 141 -4.46 -14.54 -6.28
C MET A 141 -4.23 -13.12 -6.82
N ASN A 142 -5.19 -12.62 -7.60
CA ASN A 142 -5.16 -11.25 -8.12
C ASN A 142 -5.05 -10.18 -7.03
N VAL A 143 -5.88 -10.30 -5.99
CA VAL A 143 -5.85 -9.34 -4.88
C VAL A 143 -4.61 -9.51 -4.01
N ASN A 144 -4.32 -10.74 -3.60
CA ASN A 144 -3.26 -10.99 -2.62
C ASN A 144 -1.84 -10.95 -3.17
N PHE A 145 -1.65 -11.48 -4.37
CA PHE A 145 -0.37 -11.60 -4.97
C PHE A 145 -0.09 -10.82 -6.27
N MET A 146 -0.80 -11.03 -7.37
CA MET A 146 -0.48 -10.39 -8.62
C MET A 146 -0.54 -8.88 -8.55
N SER A 147 -1.58 -8.36 -7.93
CA SER A 147 -1.74 -6.93 -7.79
C SER A 147 -0.62 -6.30 -6.94
N PRO A 148 -0.29 -6.86 -5.81
CA PRO A 148 0.84 -6.26 -5.06
C PRO A 148 2.19 -6.37 -5.77
N VAL A 149 2.41 -7.45 -6.54
CA VAL A 149 3.62 -7.56 -7.35
C VAL A 149 3.69 -6.41 -8.36
N THR A 150 2.60 -6.17 -9.08
CA THR A 150 2.50 -5.04 -10.00
C THR A 150 2.70 -3.70 -9.28
N MET A 151 2.01 -3.53 -8.15
CA MET A 151 2.16 -2.33 -7.31
C MET A 151 3.62 -2.10 -6.94
N THR A 152 4.29 -3.16 -6.50
CA THR A 152 5.70 -3.09 -6.11
C THR A 152 6.57 -2.65 -7.29
N ASN A 153 6.37 -3.28 -8.45
CA ASN A 153 7.16 -2.98 -9.65
C ASN A 153 6.94 -1.55 -10.17
N ILE A 154 5.70 -1.11 -10.24
CA ILE A 154 5.44 0.26 -10.71
C ILE A 154 5.96 1.32 -9.72
N CYS A 155 5.85 1.05 -8.42
CA CYS A 155 6.36 1.99 -7.42
C CYS A 155 7.90 2.09 -7.44
N ILE A 156 8.58 0.94 -7.55
CA ILE A 156 10.04 0.93 -7.69
C ILE A 156 10.50 1.73 -8.93
N LYS A 157 9.84 1.51 -10.06
CA LYS A 157 10.12 2.27 -11.28
C LYS A 157 9.91 3.76 -11.07
N TYR A 158 8.80 4.11 -10.44
CA TYR A 158 8.52 5.51 -10.11
C TYR A 158 9.59 6.08 -9.17
N MET A 159 9.96 5.31 -8.14
CA MET A 159 10.96 5.70 -7.16
C MET A 159 12.33 5.95 -7.82
N MET A 160 12.70 5.07 -8.74
CA MET A 160 13.94 5.22 -9.51
C MET A 160 13.90 6.46 -10.41
N LYS A 161 12.77 6.67 -11.09
CA LYS A 161 12.55 7.83 -11.95
C LYS A 161 12.58 9.15 -11.15
N SER A 162 11.99 9.12 -9.96
CA SER A 162 11.92 10.31 -9.08
C SER A 162 13.30 10.81 -8.66
N GLN A 163 14.21 9.88 -8.37
CA GLN A 163 15.57 10.24 -7.96
C GLN A 163 16.37 10.86 -9.10
N ARG A 164 16.06 10.45 -10.34
CA ARG A 164 16.64 11.04 -11.54
C ARG A 164 16.09 12.45 -11.79
N ARG A 165 14.78 12.60 -11.61
CA ARG A 165 14.08 13.86 -11.83
C ARG A 165 14.36 14.88 -10.71
N TRP A 166 14.58 14.40 -9.50
CA TRP A 166 14.82 15.27 -8.34
C TRP A 166 16.10 14.86 -7.59
N PRO A 167 17.27 15.30 -8.08
CA PRO A 167 18.60 14.94 -7.54
C PRO A 167 18.75 15.10 -6.03
N GLU A 168 18.07 16.09 -5.44
CA GLU A 168 18.16 16.36 -3.99
C GLU A 168 17.52 15.28 -3.12
N LEU A 169 16.71 14.42 -3.73
CA LEU A 169 16.13 13.26 -3.03
C LEU A 169 17.18 12.26 -2.56
N SER A 170 18.41 12.42 -3.00
CA SER A 170 19.54 11.64 -2.49
C SER A 170 19.85 12.04 -1.04
N GLY A 171 19.40 13.23 -0.65
CA GLY A 171 19.65 13.76 0.69
C GLY A 171 18.68 13.35 1.79
N GLN A 172 17.58 12.68 1.40
CA GLN A 172 16.58 12.22 2.37
C GLN A 172 17.14 11.06 3.21
N ALA A 174 15.09 8.89 4.56
CA ALA A 174 14.83 7.45 4.47
C ALA A 174 14.86 7.00 3.03
N ARG A 175 15.48 5.85 2.79
CA ARG A 175 15.55 5.26 1.46
C ARG A 175 14.17 4.83 0.97
N PRO A 176 13.96 4.81 -0.37
CA PRO A 176 12.70 4.28 -0.90
C PRO A 176 12.46 2.87 -0.36
N THR A 177 11.23 2.62 0.07
CA THR A 177 10.91 1.42 0.82
C THR A 177 9.62 0.75 0.37
N ILE A 178 9.67 -0.58 0.32
CA ILE A 178 8.49 -1.41 0.09
C ILE A 178 8.31 -2.29 1.30
N VAL A 179 7.13 -2.27 1.86
CA VAL A 179 6.73 -3.21 2.86
C VAL A 179 5.51 -4.03 2.47
N ASN A 180 5.67 -5.35 2.47
CA ASN A 180 4.59 -6.23 2.11
C ASN A 180 4.10 -6.99 3.32
N ILE A 181 2.82 -6.88 3.59
CA ILE A 181 2.24 -7.49 4.76
C ILE A 181 1.66 -8.85 4.42
N SER A 182 2.23 -9.86 5.04
CA SER A 182 1.84 -11.23 4.81
C SER A 182 0.82 -11.72 5.85
N SER A 183 0.87 -12.98 6.23
CA SER A 183 0.02 -13.49 7.28
C SER A 183 0.65 -14.66 7.97
N ILE A 184 0.29 -14.84 9.22
CA ILE A 184 0.76 -15.97 9.98
C ILE A 184 0.35 -17.29 9.27
N LEU A 185 -0.69 -17.23 8.45
CA LEU A 185 -1.15 -18.42 7.71
C LEU A 185 -0.30 -18.77 6.48
N HIS A 186 0.80 -18.05 6.29
CA HIS A 186 1.72 -18.25 5.20
C HIS A 186 2.68 -19.42 5.35
N SER A 187 3.08 -19.72 6.58
CA SER A 187 3.91 -20.86 6.92
C SER A 187 3.60 -21.44 8.29
N GLY A 188 4.11 -22.60 8.60
CA GLY A 188 4.07 -23.16 9.94
C GLY A 188 2.86 -24.00 10.27
N LYS A 189 2.66 -24.24 11.57
CA LYS A 189 1.72 -25.22 12.08
C LYS A 189 0.25 -24.85 11.94
N MET A 190 -0.04 -23.55 11.79
CA MET A 190 -1.42 -23.10 11.66
C MET A 190 -1.94 -23.30 10.24
N LYS A 191 -2.68 -24.40 10.06
CA LYS A 191 -3.22 -24.78 8.76
C LYS A 191 -4.74 -24.88 8.89
N VAL A 192 -5.42 -23.82 8.49
CA VAL A 192 -6.87 -23.72 8.68
C VAL A 192 -7.61 -24.15 7.42
N PRO A 193 -8.52 -25.15 7.54
CA PRO A 193 -9.37 -25.53 6.43
C PRO A 193 -10.16 -24.34 5.89
N GLY A 194 -10.26 -24.27 4.56
CA GLY A 194 -10.88 -23.14 3.90
C GLY A 194 -9.93 -22.00 3.57
N THR A 195 -8.63 -22.17 3.85
CA THR A 195 -7.64 -21.11 3.61
C THR A 195 -6.47 -21.51 2.70
N SER A 196 -6.61 -22.60 1.96
CA SER A 196 -5.49 -23.17 1.20
C SER A 196 -4.85 -22.20 0.21
N VAL A 197 -5.69 -21.54 -0.60
CA VAL A 197 -5.22 -20.59 -1.61
C VAL A 197 -4.85 -19.25 -0.98
N TYR A 198 -5.64 -18.81 0.01
CA TYR A 198 -5.29 -17.62 0.78
C TYR A 198 -3.90 -17.73 1.41
N SER A 199 -3.65 -18.85 2.12
CA SER A 199 -2.36 -19.13 2.74
C SER A 199 -1.23 -19.18 1.71
N ALA A 200 -1.50 -19.82 0.57
CA ALA A 200 -0.56 -19.88 -0.54
C ALA A 200 -0.22 -18.50 -1.08
N SER A 201 -1.24 -17.64 -1.22
CA SER A 201 -1.06 -16.31 -1.79
C SER A 201 -0.14 -15.45 -0.94
N LYS A 202 -0.25 -15.61 0.39
CA LYS A 202 0.56 -14.88 1.35
C LYS A 202 1.96 -15.46 1.45
N ALA A 203 2.09 -16.78 1.28
CA ALA A 203 3.41 -17.39 1.18
C ALA A 203 4.15 -16.88 -0.06
N ALA A 204 3.42 -16.75 -1.17
CA ALA A 204 3.97 -16.17 -2.41
C ALA A 204 4.44 -14.73 -2.20
N LEU A 205 3.59 -13.90 -1.61
CA LEU A 205 3.94 -12.50 -1.38
C LEU A 205 5.21 -12.38 -0.52
N SER A 206 5.27 -13.15 0.57
CA SER A 206 6.44 -13.16 1.45
C SER A 206 7.73 -13.54 0.73
N ARG A 207 7.66 -14.60 -0.07
CA ARG A 207 8.85 -15.11 -0.75
C ARG A 207 9.31 -14.16 -1.85
N PHE A 208 8.36 -13.67 -2.64
CA PHE A 208 8.63 -12.66 -3.65
C PHE A 208 9.43 -11.49 -3.06
N THR A 209 8.98 -10.99 -1.91
CA THR A 209 9.61 -9.84 -1.27
C THR A 209 11.05 -10.13 -0.83
N GLU A 210 11.25 -11.32 -0.28
CA GLU A 210 12.59 -11.79 0.12
C GLU A 210 13.57 -11.82 -1.05
N VAL A 211 13.13 -12.33 -2.19
CA VAL A 211 13.98 -12.39 -3.38
C VAL A 211 14.16 -11.01 -4.01
N LEU A 212 13.06 -10.26 -4.08
CA LEU A 212 13.10 -8.87 -4.53
C LEU A 212 14.11 -8.04 -3.75
N ALA A 213 14.16 -8.25 -2.43
CA ALA A 213 15.11 -7.58 -1.55
C ALA A 213 16.56 -7.77 -2.00
N ALA A 214 16.89 -8.96 -2.50
CA ALA A 214 18.24 -9.25 -3.00
C ALA A 214 18.54 -8.52 -4.30
N GLU A 215 17.52 -8.37 -5.15
CA GLU A 215 17.67 -7.64 -6.41
C GLU A 215 17.78 -6.14 -6.15
N MET A 216 17.16 -5.69 -5.06
CA MET A 216 17.03 -4.27 -4.78
C MET A 216 18.17 -3.69 -3.92
N GLU A 217 18.88 -4.54 -3.20
CA GLU A 217 19.95 -4.10 -2.29
C GLU A 217 21.03 -3.22 -2.95
N PRO A 218 21.55 -3.63 -4.13
CA PRO A 218 22.53 -2.78 -4.81
C PRO A 218 21.94 -1.50 -5.43
N ARG A 219 20.61 -1.38 -5.42
CA ARG A 219 19.92 -0.21 -5.95
C ARG A 219 19.49 0.72 -4.83
N ASN A 220 19.85 0.36 -3.60
CA ASN A 220 19.57 1.14 -2.39
C ASN A 220 18.06 1.30 -2.12
N ILE A 221 17.27 0.33 -2.57
CA ILE A 221 15.83 0.30 -2.29
C ILE A 221 15.56 -0.83 -1.29
N ARG A 222 14.90 -0.48 -0.18
CA ARG A 222 14.63 -1.42 0.90
C ARG A 222 13.29 -2.16 0.69
N CYS A 223 13.32 -3.47 0.87
CA CYS A 223 12.12 -4.30 0.71
C CYS A 223 11.97 -5.21 1.91
N PHE A 224 10.88 -5.02 2.65
CA PHE A 224 10.64 -5.76 3.88
C PHE A 224 9.33 -6.50 3.79
N THR A 225 9.26 -7.62 4.51
CA THR A 225 7.99 -8.29 4.72
C THR A 225 7.75 -8.56 6.20
N ILE A 226 6.48 -8.45 6.61
CA ILE A 226 6.04 -8.66 7.98
C ILE A 226 4.89 -9.65 7.98
N SER A 227 4.94 -10.60 8.90
CA SER A 227 3.90 -11.63 9.02
C SER A 227 3.16 -11.52 10.36
N PRO A 228 1.97 -10.88 10.35
CA PRO A 228 1.13 -10.72 11.53
C PRO A 228 0.34 -11.97 11.87
N GLY A 229 0.04 -12.14 13.16
CA GLY A 229 -0.87 -13.19 13.60
C GLY A 229 -2.30 -12.92 13.19
N LEU A 230 -3.22 -13.78 13.66
CA LEU A 230 -4.63 -13.65 13.33
C LEU A 230 -5.29 -12.57 14.18
N GLY A 256 0.37 -16.36 17.32
CA GLY A 256 -1.08 -16.52 17.38
C GLY A 256 -1.82 -15.36 16.75
N THR A 257 -1.88 -14.24 17.47
CA THR A 257 -2.60 -13.03 17.03
C THR A 257 -1.72 -11.79 17.10
N SER A 258 -2.05 -10.77 16.31
CA SER A 258 -1.31 -9.52 16.31
C SER A 258 -2.23 -8.30 16.28
N ALA A 259 -1.86 -7.28 17.05
CA ALA A 259 -2.58 -6.01 17.04
C ALA A 259 -2.17 -5.19 15.83
N PRO A 260 -3.15 -4.66 15.08
CA PRO A 260 -2.86 -3.75 13.96
C PRO A 260 -1.91 -2.62 14.35
N ALA A 261 -2.09 -2.08 15.56
CA ALA A 261 -1.23 -0.99 16.07
C ALA A 261 0.23 -1.40 16.25
N GLU A 262 0.46 -2.64 16.68
CA GLU A 262 1.82 -3.18 16.85
C GLU A 262 2.53 -3.37 15.49
N ILE A 263 1.79 -3.88 14.51
CA ILE A 263 2.31 -4.01 13.15
C ILE A 263 2.65 -2.63 12.57
N ALA A 264 1.76 -1.66 12.78
CA ALA A 264 1.99 -0.29 12.32
C ALA A 264 3.28 0.30 12.92
N GLU A 265 3.50 0.04 14.20
CA GLU A 265 4.74 0.45 14.87
C GLU A 265 5.96 -0.23 14.24
N GLU A 266 5.84 -1.52 13.93
CA GLU A 266 6.92 -2.29 13.29
C GLU A 266 7.25 -1.70 11.92
N VAL A 267 6.22 -1.38 11.15
CA VAL A 267 6.37 -0.73 9.85
C VAL A 267 7.16 0.57 9.99
N TRP A 268 6.72 1.44 10.90
CA TRP A 268 7.41 2.72 11.11
C TRP A 268 8.87 2.53 11.54
N SER A 269 9.09 1.58 12.44
CA SER A 269 10.44 1.22 12.90
C SER A 269 11.36 0.81 11.74
N LEU A 270 10.85 -0.03 10.85
CA LEU A 270 11.64 -0.48 9.69
C LEU A 270 11.94 0.66 8.71
N TYR A 271 10.96 1.54 8.52
CA TYR A 271 11.09 2.65 7.58
C TYR A 271 12.02 3.75 8.10
N SER A 272 11.98 4.00 9.40
CA SER A 272 12.75 5.10 9.99
C SER A 272 14.12 4.68 10.53
N ARG A 273 14.37 3.37 10.59
CA ARG A 273 15.65 2.83 11.10
C ARG A 273 16.85 3.31 10.29
PA NAP B . -8.68 -6.72 6.16
O1A NAP B . -7.28 -6.53 6.22
O2A NAP B . -9.31 -6.29 7.40
O5B NAP B . -9.34 -6.01 4.93
C5B NAP B . -8.91 -6.25 3.62
C4B NAP B . -8.41 -5.02 2.89
O4B NAP B . -8.08 -5.41 1.58
C3B NAP B . -9.47 -3.91 2.84
O3B NAP B . -8.86 -2.68 3.00
C2B NAP B . -10.04 -4.13 1.48
O2B NAP B . -10.74 -3.02 0.93
C1B NAP B . -8.82 -4.68 0.70
N9A NAP B . -9.35 -5.42 -0.43
C8A NAP B . -10.15 -6.44 -0.39
N7A NAP B . -10.51 -6.79 -1.58
C5A NAP B . -9.97 -6.00 -2.46
C6A NAP B . -10.00 -5.85 -3.90
N6A NAP B . -10.68 -6.66 -4.68
N1A NAP B . -9.28 -4.87 -4.40
C2A NAP B . -8.63 -4.06 -3.62
N3A NAP B . -8.54 -4.12 -2.32
C4A NAP B . -9.20 -5.05 -1.68
O3 NAP B . -8.86 -8.20 5.83
PN NAP B . -9.84 -9.20 6.47
O1N NAP B . -10.84 -9.35 5.48
O2N NAP B . -10.26 -8.83 7.79
O5D NAP B . -8.82 -10.44 6.69
C5D NAP B . -8.38 -10.84 7.99
C4D NAP B . -7.33 -11.97 8.19
O4D NAP B . -7.33 -12.86 9.35
C3D NAP B . -7.47 -13.05 7.21
O3D NAP B . -7.30 -12.46 6.02
C2D NAP B . -6.36 -13.98 7.59
O2D NAP B . -5.10 -13.38 7.81
C1D NAP B . -6.94 -14.22 8.92
N1N NAP B . -7.88 -15.16 8.31
C2N NAP B . -8.01 -15.44 6.95
C3N NAP B . -8.96 -16.40 6.47
C7N NAP B . -9.36 -16.91 5.09
O7N NAP B . -8.74 -16.81 4.09
N7N NAP B . -10.45 -17.61 4.97
C4N NAP B . -9.69 -17.07 7.38
C5N NAP B . -9.48 -16.79 8.70
C6N NAP B . -8.59 -15.85 9.15
P2B NAP B . -12.29 -2.80 1.01
O1X NAP B . -12.52 -2.32 2.31
O2X NAP B . -12.50 -2.01 -0.09
O3X NAP B . -12.92 -4.07 0.90
#